data_6N4W
#
_entry.id   6N4W
#
_cell.length_a   96.739
_cell.length_b   96.739
_cell.length_c   106.425
_cell.angle_alpha   90.000
_cell.angle_beta   90.000
_cell.angle_gamma   90.000
#
_symmetry.space_group_name_H-M   'P 41 21 2'
#
loop_
_entity.id
_entity.type
_entity.pdbx_description
1 polymer Thermolysin
2 non-polymer 'CALCIUM ION'
3 non-polymer 'ZINC ION'
4 non-polymer beta-D-xylopyranose
5 non-polymer alpha-D-xylopyranose
6 water water
#
_entity_poly.entity_id   1
_entity_poly.type   'polypeptide(L)'
_entity_poly.pdbx_seq_one_letter_code
;ITGTSTVGVGRGVLGDQKNINTTYSTYYYLQDNTRGNGIFTYDAKYRTTLPGSLWADADNQFFASYDAPAVDAHYYAGVT
YDYYKNVHNRLSYDGNNAAIRSSVHYSQGYNNAFWNGSQMVYGDGDGQTFIPLSGGIDVVAHELTHAVTDYTAGLIYQNE
SGAINEAISDIFGTLVEFYANKNPDWEIGEDVYTPGISGDSLRSMSDPAKYGDPDHYSKRYTGTQDNGGVHINSGIINKA
AYLISQGGTHYGVSVVGIGRDKLGKIFYRALTQYLTPTSNFSQLRAAAVQSATDLYGSTSQEVASVKQAFDAVGVK
;
_entity_poly.pdbx_strand_id   A
#
loop_
_chem_comp.id
_chem_comp.type
_chem_comp.name
_chem_comp.formula
CA non-polymer 'CALCIUM ION' 'Ca 2'
XYP D-saccharide, beta linking beta-D-xylopyranose 'C5 H10 O5'
XYS D-saccharide, alpha linking alpha-D-xylopyranose 'C5 H10 O5'
ZN non-polymer 'ZINC ION' 'Zn 2'
#
# COMPACT_ATOMS: atom_id res chain seq x y z
N ILE A 1 -21.15 16.05 -3.26
CA ILE A 1 -22.56 16.44 -3.56
C ILE A 1 -23.39 16.23 -2.29
N THR A 2 -24.50 16.95 -2.17
CA THR A 2 -25.43 16.77 -1.05
C THR A 2 -26.48 15.74 -1.44
N GLY A 3 -26.70 14.78 -0.56
CA GLY A 3 -27.67 13.74 -0.83
C GLY A 3 -27.76 12.78 0.33
N THR A 4 -28.49 11.69 0.11
N THR A 4 -28.50 11.70 0.13
CA THR A 4 -28.69 10.66 1.11
CA THR A 4 -28.67 10.70 1.19
C THR A 4 -27.55 9.65 1.03
C THR A 4 -27.62 9.61 1.05
N SER A 5 -27.09 9.18 2.19
CA SER A 5 -26.11 8.11 2.21
C SER A 5 -26.80 6.78 1.91
N THR A 6 -26.29 6.07 0.91
CA THR A 6 -26.86 4.82 0.44
C THR A 6 -25.77 3.77 0.34
N VAL A 7 -26.18 2.53 0.13
CA VAL A 7 -25.25 1.41 -0.02
C VAL A 7 -25.58 0.72 -1.34
N GLY A 8 -24.66 0.79 -2.30
CA GLY A 8 -24.79 0.08 -3.54
C GLY A 8 -24.02 -1.22 -3.51
N VAL A 9 -24.09 -1.93 -4.64
CA VAL A 9 -23.43 -3.22 -4.79
CA VAL A 9 -23.44 -3.22 -4.80
C VAL A 9 -22.86 -3.30 -6.20
N GLY A 10 -21.74 -3.99 -6.33
CA GLY A 10 -21.10 -4.11 -7.62
C GLY A 10 -20.05 -5.18 -7.59
N ARG A 11 -19.28 -5.27 -8.69
N ARG A 11 -19.26 -5.25 -8.67
CA ARG A 11 -18.18 -6.20 -8.80
CA ARG A 11 -18.17 -6.22 -8.78
C ARG A 11 -16.91 -5.43 -9.09
C ARG A 11 -16.90 -5.50 -9.18
N GLY A 12 -15.80 -5.88 -8.52
CA GLY A 12 -14.51 -5.29 -8.77
C GLY A 12 -13.81 -5.89 -9.97
N VAL A 13 -12.56 -5.44 -10.15
CA VAL A 13 -11.79 -5.79 -11.34
C VAL A 13 -11.63 -7.30 -11.46
N LEU A 14 -11.47 -8.00 -10.34
CA LEU A 14 -11.29 -9.44 -10.37
CA LEU A 14 -11.28 -9.44 -10.33
C LEU A 14 -12.60 -10.21 -10.28
N GLY A 15 -13.73 -9.56 -10.45
CA GLY A 15 -15.01 -10.22 -10.53
C GLY A 15 -15.69 -10.50 -9.21
N ASP A 16 -15.18 -9.97 -8.11
CA ASP A 16 -15.71 -10.21 -6.79
C ASP A 16 -16.77 -9.17 -6.44
N GLN A 17 -17.85 -9.62 -5.81
CA GLN A 17 -18.93 -8.73 -5.43
C GLN A 17 -18.62 -8.06 -4.10
N LYS A 18 -18.98 -6.78 -4.01
CA LYS A 18 -18.82 -6.04 -2.77
C LYS A 18 -19.83 -4.91 -2.72
N ASN A 19 -20.13 -4.47 -1.50
CA ASN A 19 -20.96 -3.31 -1.27
C ASN A 19 -20.09 -2.06 -1.20
N ILE A 20 -20.64 -0.94 -1.69
CA ILE A 20 -19.94 0.33 -1.68
CA ILE A 20 -19.94 0.34 -1.70
C ILE A 20 -20.87 1.42 -1.16
N ASN A 21 -20.31 2.35 -0.42
CA ASN A 21 -21.05 3.47 0.14
C ASN A 21 -21.17 4.57 -0.91
N THR A 22 -22.40 4.98 -1.18
CA THR A 22 -22.70 5.95 -2.22
C THR A 22 -23.54 7.07 -1.62
N THR A 23 -23.79 8.09 -2.45
CA THR A 23 -24.63 9.23 -2.08
C THR A 23 -25.65 9.41 -3.20
N TYR A 24 -26.91 9.54 -2.83
CA TYR A 24 -28.00 9.61 -3.79
C TYR A 24 -28.53 11.03 -3.92
N SER A 25 -28.48 11.56 -5.12
CA SER A 25 -29.13 12.83 -5.44
C SER A 25 -29.36 12.76 -6.95
N THR A 26 -30.54 12.25 -7.33
CA THR A 26 -30.92 11.93 -8.70
C THR A 26 -30.16 10.73 -9.23
N TYR A 27 -28.83 10.80 -9.20
CA TYR A 27 -27.94 9.68 -9.46
C TYR A 27 -27.33 9.21 -8.14
N TYR A 28 -26.76 8.01 -8.20
CA TYR A 28 -25.97 7.45 -7.11
C TYR A 28 -24.51 7.74 -7.41
N TYR A 29 -23.85 8.47 -6.52
CA TYR A 29 -22.47 8.89 -6.70
C TYR A 29 -21.55 8.06 -5.81
N LEU A 30 -20.34 7.81 -6.31
CA LEU A 30 -19.30 7.17 -5.50
C LEU A 30 -18.74 8.21 -4.53
N GLN A 31 -19.53 8.45 -3.49
CA GLN A 31 -19.21 9.37 -2.40
C GLN A 31 -19.62 8.66 -1.13
N ASP A 32 -18.62 8.30 -0.33
CA ASP A 32 -18.78 7.57 0.92
C ASP A 32 -18.66 8.58 2.06
N ASN A 33 -19.80 8.90 2.67
CA ASN A 33 -19.83 9.87 3.76
C ASN A 33 -19.52 9.25 5.12
N THR A 34 -19.22 7.94 5.17
CA THR A 34 -19.07 7.26 6.46
C THR A 34 -17.66 7.31 7.01
N ARG A 35 -16.70 7.83 6.24
CA ARG A 35 -15.29 7.82 6.62
C ARG A 35 -14.70 9.23 6.51
N GLY A 36 -14.42 9.82 7.66
CA GLY A 36 -13.79 11.12 7.70
C GLY A 36 -14.55 12.17 6.93
N ASN A 37 -13.80 12.99 6.19
N ASN A 37 -13.81 12.99 6.20
CA ASN A 37 -14.36 14.01 5.33
CA ASN A 37 -14.39 13.99 5.33
C ASN A 37 -14.95 13.44 4.05
C ASN A 37 -14.74 13.44 3.97
N GLY A 38 -14.86 12.13 3.86
CA GLY A 38 -15.44 11.49 2.70
C GLY A 38 -14.42 10.76 1.85
N ILE A 39 -14.87 9.75 1.15
CA ILE A 39 -14.11 9.09 0.09
C ILE A 39 -14.89 9.30 -1.21
N PHE A 40 -14.21 9.86 -2.21
CA PHE A 40 -14.83 10.31 -3.45
C PHE A 40 -14.09 9.67 -4.62
N THR A 41 -14.81 9.03 -5.53
CA THR A 41 -14.21 8.36 -6.67
C THR A 41 -14.77 8.95 -7.95
N TYR A 42 -13.87 9.22 -8.90
CA TYR A 42 -14.14 10.00 -10.09
C TYR A 42 -13.78 9.22 -11.35
N ASP A 43 -14.46 9.56 -12.45
CA ASP A 43 -14.17 9.00 -13.76
C ASP A 43 -13.36 10.02 -14.55
N ALA A 44 -12.13 9.64 -14.92
CA ALA A 44 -11.32 10.47 -15.80
C ALA A 44 -11.63 10.24 -17.28
N LYS A 45 -12.46 9.24 -17.61
CA LYS A 45 -13.03 9.10 -18.95
C LYS A 45 -11.97 8.98 -20.04
N TYR A 46 -10.87 8.30 -19.73
CA TYR A 46 -9.77 8.03 -20.64
C TYR A 46 -8.95 9.27 -20.98
N ARG A 47 -9.15 10.35 -20.26
CA ARG A 47 -8.39 11.58 -20.41
CA ARG A 47 -8.39 11.58 -20.41
C ARG A 47 -7.41 11.70 -19.24
N THR A 48 -6.64 12.78 -19.24
CA THR A 48 -5.69 13.03 -18.16
C THR A 48 -6.07 14.23 -17.31
N THR A 49 -7.24 14.81 -17.55
CA THR A 49 -7.74 15.88 -16.69
C THR A 49 -8.18 15.31 -15.36
N LEU A 50 -7.75 15.94 -14.27
CA LEU A 50 -8.06 15.40 -12.96
C LEU A 50 -8.83 16.44 -12.14
N PRO A 51 -9.75 16.00 -11.27
CA PRO A 51 -10.07 14.59 -11.01
C PRO A 51 -11.01 13.96 -12.01
N GLY A 52 -11.67 14.76 -12.82
CA GLY A 52 -12.73 14.24 -13.66
C GLY A 52 -14.10 14.44 -13.03
N SER A 53 -15.06 13.60 -13.39
CA SER A 53 -16.42 13.74 -12.90
CA SER A 53 -16.41 13.75 -12.89
C SER A 53 -16.64 12.81 -11.72
N LEU A 54 -17.29 13.31 -10.67
CA LEU A 54 -17.64 12.43 -9.57
C LEU A 54 -18.51 11.31 -10.14
N TRP A 55 -18.15 10.06 -9.83
CA TRP A 55 -18.72 8.93 -10.55
C TRP A 55 -20.23 8.83 -10.30
N ALA A 56 -21.01 8.89 -11.37
CA ALA A 56 -22.46 8.84 -11.28
C ALA A 56 -23.00 7.57 -11.92
N ASP A 57 -23.97 6.96 -11.24
CA ASP A 57 -24.60 5.72 -11.67
C ASP A 57 -26.10 5.79 -11.46
N ALA A 58 -26.87 5.31 -12.44
CA ALA A 58 -28.31 5.51 -12.40
C ALA A 58 -29.01 4.67 -11.35
N ASP A 59 -28.51 3.46 -11.04
CA ASP A 59 -29.30 2.52 -10.26
C ASP A 59 -28.61 1.96 -9.02
N ASN A 60 -27.42 2.43 -8.67
CA ASN A 60 -26.69 1.99 -7.47
C ASN A 60 -26.20 0.55 -7.61
N GLN A 61 -26.16 0.04 -8.84
CA GLN A 61 -25.62 -1.28 -9.14
CA GLN A 61 -25.62 -1.29 -9.14
C GLN A 61 -24.41 -1.09 -10.05
N PHE A 62 -23.28 -1.67 -9.66
CA PHE A 62 -22.03 -1.41 -10.36
C PHE A 62 -21.39 -2.69 -10.87
N PHE A 63 -22.09 -3.40 -11.77
CA PHE A 63 -21.66 -4.69 -12.28
C PHE A 63 -21.12 -4.62 -13.70
N ALA A 64 -21.08 -3.46 -14.32
CA ALA A 64 -20.54 -3.33 -15.65
C ALA A 64 -19.02 -3.37 -15.61
N SER A 65 -18.41 -3.89 -16.67
CA SER A 65 -16.96 -3.95 -16.74
CA SER A 65 -16.95 -3.95 -16.70
C SER A 65 -16.35 -2.56 -16.54
N TYR A 66 -16.98 -1.53 -17.14
CA TYR A 66 -16.49 -0.17 -17.02
C TYR A 66 -16.52 0.32 -15.57
N ASP A 67 -17.43 -0.24 -14.76
CA ASP A 67 -17.58 0.17 -13.36
C ASP A 67 -16.49 -0.41 -12.46
N ALA A 68 -15.93 -1.55 -12.84
CA ALA A 68 -15.11 -2.32 -11.91
C ALA A 68 -13.91 -1.56 -11.35
N PRO A 69 -13.16 -0.79 -12.13
CA PRO A 69 -12.03 -0.06 -11.52
C PRO A 69 -12.49 0.94 -10.49
N ALA A 70 -13.65 1.57 -10.70
CA ALA A 70 -14.17 2.53 -9.75
C ALA A 70 -14.63 1.84 -8.47
N VAL A 71 -15.31 0.71 -8.59
CA VAL A 71 -15.72 -0.07 -7.41
C VAL A 71 -14.50 -0.34 -6.52
N ASP A 72 -13.42 -0.84 -7.11
CA ASP A 72 -12.26 -1.22 -6.31
C ASP A 72 -11.50 -0.01 -5.77
N ALA A 73 -11.36 1.05 -6.57
CA ALA A 73 -10.66 2.24 -6.04
C ALA A 73 -11.40 2.78 -4.83
N HIS A 74 -12.73 2.80 -4.91
CA HIS A 74 -13.56 3.34 -3.85
C HIS A 74 -13.53 2.43 -2.63
N TYR A 75 -13.72 1.13 -2.85
CA TYR A 75 -13.80 0.18 -1.74
C TYR A 75 -12.45 0.03 -1.04
N TYR A 76 -11.37 -0.09 -1.81
CA TYR A 76 -10.06 -0.27 -1.20
C TYR A 76 -9.54 1.01 -0.55
N ALA A 77 -9.95 2.19 -1.02
CA ALA A 77 -9.67 3.40 -0.24
C ALA A 77 -10.33 3.30 1.13
N GLY A 78 -11.56 2.77 1.16
CA GLY A 78 -12.24 2.57 2.43
C GLY A 78 -11.54 1.59 3.35
N VAL A 79 -11.04 0.49 2.79
CA VAL A 79 -10.30 -0.48 3.62
C VAL A 79 -9.04 0.17 4.18
N THR A 80 -8.33 0.93 3.34
CA THR A 80 -7.10 1.57 3.78
C THR A 80 -7.38 2.56 4.90
N TYR A 81 -8.45 3.34 4.75
CA TYR A 81 -8.89 4.24 5.80
C TYR A 81 -9.17 3.47 7.08
N ASP A 82 -9.91 2.35 6.97
CA ASP A 82 -10.25 1.57 8.15
C ASP A 82 -9.00 1.01 8.83
N TYR A 83 -8.03 0.54 8.02
CA TYR A 83 -6.79 0.01 8.60
C TYR A 83 -6.09 1.08 9.42
N TYR A 84 -5.85 2.24 8.83
CA TYR A 84 -5.12 3.28 9.55
C TYR A 84 -5.88 3.75 10.78
N LYS A 85 -7.20 3.87 10.69
CA LYS A 85 -7.98 4.33 11.85
C LYS A 85 -8.03 3.27 12.94
N ASN A 86 -8.41 2.04 12.57
CA ASN A 86 -8.65 1.01 13.58
C ASN A 86 -7.35 0.47 14.16
N VAL A 87 -6.30 0.35 13.35
CA VAL A 87 -5.06 -0.25 13.82
C VAL A 87 -4.12 0.78 14.42
N HIS A 88 -4.05 1.99 13.83
CA HIS A 88 -3.07 2.99 14.24
C HIS A 88 -3.67 4.27 14.79
N ASN A 89 -4.99 4.35 14.90
CA ASN A 89 -5.65 5.56 15.38
CA ASN A 89 -5.66 5.56 15.39
C ASN A 89 -5.26 6.77 14.54
N ARG A 90 -5.08 6.55 13.25
CA ARG A 90 -4.77 7.62 12.30
C ARG A 90 -5.98 7.86 11.42
N LEU A 91 -6.43 9.12 11.37
CA LEU A 91 -7.63 9.51 10.63
C LEU A 91 -7.23 10.02 9.24
N SER A 92 -7.44 9.17 8.25
CA SER A 92 -7.03 9.41 6.88
C SER A 92 -5.52 9.57 6.73
N TYR A 93 -5.07 9.88 5.51
CA TYR A 93 -3.64 9.84 5.26
C TYR A 93 -2.91 10.95 5.99
N ASP A 94 -3.57 12.08 6.25
CA ASP A 94 -2.94 13.20 6.94
C ASP A 94 -3.19 13.21 8.44
N GLY A 95 -3.91 12.23 8.98
CA GLY A 95 -4.26 12.23 10.38
C GLY A 95 -5.31 13.24 10.77
N ASN A 96 -5.84 14.00 9.83
CA ASN A 96 -6.84 15.02 10.08
C ASN A 96 -8.07 14.81 9.22
N ASN A 97 -8.31 13.55 8.85
CA ASN A 97 -9.53 13.16 8.14
C ASN A 97 -9.66 13.80 6.75
N ALA A 98 -8.55 14.05 6.06
CA ALA A 98 -8.62 14.54 4.70
C ALA A 98 -9.46 13.62 3.84
N ALA A 99 -10.25 14.23 2.94
CA ALA A 99 -11.00 13.46 1.96
C ALA A 99 -10.03 12.66 1.11
N ILE A 100 -10.42 11.42 0.80
CA ILE A 100 -9.62 10.57 -0.08
C ILE A 100 -10.31 10.56 -1.45
N ARG A 101 -9.64 11.14 -2.43
CA ARG A 101 -10.15 11.27 -3.79
C ARG A 101 -9.34 10.37 -4.71
N SER A 102 -10.04 9.66 -5.60
CA SER A 102 -9.41 8.75 -6.55
C SER A 102 -10.06 8.93 -7.92
N SER A 103 -9.25 8.86 -8.98
CA SER A 103 -9.73 8.88 -10.35
C SER A 103 -9.31 7.61 -11.06
N VAL A 104 -10.25 7.00 -11.78
CA VAL A 104 -10.03 5.80 -12.55
C VAL A 104 -10.25 6.09 -14.04
N HIS A 105 -9.91 5.12 -14.87
CA HIS A 105 -9.90 5.31 -16.33
C HIS A 105 -9.04 6.50 -16.71
N TYR A 106 -7.89 6.62 -16.05
CA TYR A 106 -6.95 7.68 -16.38
C TYR A 106 -6.17 7.31 -17.62
N SER A 107 -6.21 8.17 -18.64
CA SER A 107 -5.49 7.97 -19.89
C SER A 107 -5.94 6.67 -20.56
N GLN A 108 -5.11 6.14 -21.45
CA GLN A 108 -5.41 4.90 -22.17
C GLN A 108 -4.20 3.98 -22.11
N GLY A 109 -4.44 2.71 -21.79
CA GLY A 109 -3.36 1.74 -21.71
C GLY A 109 -2.29 2.07 -20.70
N TYR A 110 -2.65 2.78 -19.63
CA TYR A 110 -1.67 3.36 -18.71
C TYR A 110 -1.34 2.35 -17.63
N ASN A 111 -0.09 1.89 -17.61
CA ASN A 111 0.36 0.79 -16.75
C ASN A 111 0.94 1.35 -15.45
N ASN A 112 0.14 2.14 -14.74
CA ASN A 112 0.63 2.73 -13.51
C ASN A 112 -0.53 3.23 -12.67
N ALA A 113 -0.24 3.47 -11.40
CA ALA A 113 -1.13 4.08 -10.44
C ALA A 113 -0.26 4.90 -9.49
N PHE A 114 -0.77 6.04 -9.05
CA PHE A 114 0.06 6.89 -8.22
C PHE A 114 -0.78 7.82 -7.36
N TRP A 115 -0.24 8.13 -6.19
CA TRP A 115 -0.64 9.29 -5.40
C TRP A 115 0.07 10.52 -5.96
N ASN A 116 -0.70 11.56 -6.29
CA ASN A 116 -0.12 12.72 -6.97
C ASN A 116 0.08 13.90 -6.02
N GLY A 117 -0.04 13.68 -4.71
CA GLY A 117 0.04 14.72 -3.73
C GLY A 117 -1.29 15.17 -3.19
N SER A 118 -2.36 14.96 -3.96
CA SER A 118 -3.71 15.36 -3.58
CA SER A 118 -3.69 15.29 -3.47
C SER A 118 -4.75 14.26 -3.79
N GLN A 119 -4.46 13.26 -4.62
CA GLN A 119 -5.44 12.23 -4.94
C GLN A 119 -4.74 11.02 -5.53
N MET A 120 -5.46 9.91 -5.54
CA MET A 120 -5.03 8.71 -6.23
C MET A 120 -5.46 8.76 -7.70
N VAL A 121 -4.60 8.21 -8.56
CA VAL A 121 -4.82 8.16 -10.00
C VAL A 121 -4.52 6.74 -10.46
N TYR A 122 -5.46 6.11 -11.16
CA TYR A 122 -5.32 4.72 -11.59
C TYR A 122 -5.47 4.58 -13.10
N GLY A 123 -4.43 4.05 -13.74
CA GLY A 123 -4.58 3.61 -15.10
C GLY A 123 -5.35 2.31 -15.18
N ASP A 124 -5.81 1.99 -16.39
CA ASP A 124 -6.49 0.74 -16.64
C ASP A 124 -5.54 -0.38 -17.05
N GLY A 125 -4.26 -0.07 -17.24
CA GLY A 125 -3.33 -1.02 -17.78
C GLY A 125 -3.56 -1.26 -19.26
N ASP A 126 -2.65 -1.98 -19.91
CA ASP A 126 -2.78 -2.32 -21.31
C ASP A 126 -3.39 -3.69 -21.54
N GLY A 127 -3.80 -4.38 -20.46
CA GLY A 127 -4.40 -5.68 -20.58
C GLY A 127 -3.44 -6.83 -20.67
N GLN A 128 -2.15 -6.56 -20.79
CA GLN A 128 -1.12 -7.59 -20.83
C GLN A 128 -0.14 -7.46 -19.68
N THR A 129 0.44 -6.27 -19.50
CA THR A 129 1.29 -6.03 -18.33
C THR A 129 0.45 -5.85 -17.08
N PHE A 130 -0.65 -5.09 -17.19
CA PHE A 130 -1.53 -4.87 -16.06
C PHE A 130 -2.98 -4.88 -16.53
N ILE A 131 -3.86 -5.27 -15.62
CA ILE A 131 -5.29 -4.95 -15.70
C ILE A 131 -5.51 -3.75 -14.78
N PRO A 132 -6.72 -3.21 -14.68
CA PRO A 132 -6.86 -1.93 -13.97
C PRO A 132 -6.32 -2.00 -12.55
N LEU A 133 -5.43 -1.05 -12.22
CA LEU A 133 -4.53 -1.25 -11.09
C LEU A 133 -5.23 -1.09 -9.75
N SER A 134 -6.40 -0.44 -9.70
CA SER A 134 -7.16 -0.38 -8.46
C SER A 134 -7.64 -1.76 -8.03
N GLY A 135 -7.55 -2.78 -8.90
CA GLY A 135 -7.85 -4.13 -8.49
C GLY A 135 -6.90 -4.72 -7.47
N GLY A 136 -5.75 -4.07 -7.23
CA GLY A 136 -4.79 -4.57 -6.26
C GLY A 136 -4.81 -3.76 -4.98
N ILE A 137 -5.34 -4.38 -3.92
CA ILE A 137 -5.45 -3.67 -2.65
C ILE A 137 -4.08 -3.22 -2.16
N ASP A 138 -3.04 -4.05 -2.36
CA ASP A 138 -1.70 -3.65 -1.95
C ASP A 138 -1.20 -2.45 -2.74
N VAL A 139 -1.57 -2.33 -4.03
CA VAL A 139 -1.20 -1.15 -4.81
C VAL A 139 -1.88 0.09 -4.27
N VAL A 140 -3.19 0.00 -4.04
CA VAL A 140 -3.96 1.11 -3.47
C VAL A 140 -3.33 1.57 -2.16
N ALA A 141 -3.12 0.63 -1.24
CA ALA A 141 -2.59 1.00 0.07
C ALA A 141 -1.12 1.40 0.01
N HIS A 142 -0.34 0.81 -0.90
CA HIS A 142 1.05 1.25 -1.10
C HIS A 142 1.08 2.73 -1.45
N GLU A 143 0.27 3.14 -2.42
CA GLU A 143 0.30 4.52 -2.86
C GLU A 143 -0.28 5.47 -1.81
N LEU A 144 -1.38 5.08 -1.15
CA LEU A 144 -1.89 5.94 -0.08
C LEU A 144 -0.89 6.08 1.05
N THR A 145 -0.07 5.05 1.27
CA THR A 145 0.97 5.14 2.31
C THR A 145 2.05 6.14 1.93
N HIS A 146 2.29 6.37 0.64
CA HIS A 146 3.20 7.47 0.28
C HIS A 146 2.68 8.79 0.84
N ALA A 147 1.36 8.98 0.84
CA ALA A 147 0.79 10.20 1.42
C ALA A 147 1.04 10.24 2.92
N VAL A 148 0.88 9.12 3.62
CA VAL A 148 1.19 9.07 5.04
C VAL A 148 2.64 9.47 5.29
N THR A 149 3.56 8.93 4.49
CA THR A 149 4.96 9.29 4.60
C THR A 149 5.16 10.78 4.36
N ASP A 150 4.55 11.32 3.31
CA ASP A 150 4.71 12.74 2.99
C ASP A 150 4.27 13.63 4.17
N TYR A 151 3.23 13.22 4.89
CA TYR A 151 2.67 14.00 5.99
C TYR A 151 3.33 13.71 7.32
N THR A 152 4.33 12.83 7.35
CA THR A 152 5.04 12.51 8.58
C THR A 152 6.54 12.71 8.40
N ALA A 153 7.27 11.65 8.07
CA ALA A 153 8.73 11.74 8.01
C ALA A 153 9.19 12.60 6.85
N GLY A 154 8.49 12.55 5.72
CA GLY A 154 8.90 13.29 4.55
C GLY A 154 10.07 12.68 3.80
N LEU A 155 10.24 11.37 3.89
CA LEU A 155 11.32 10.68 3.21
C LEU A 155 11.40 11.13 1.77
N ILE A 156 12.63 11.41 1.32
N ILE A 156 12.59 11.49 1.32
CA ILE A 156 12.89 11.84 -0.05
CA ILE A 156 12.72 11.88 -0.07
C ILE A 156 13.03 10.62 -0.96
C ILE A 156 12.44 10.65 -0.93
N TYR A 157 12.52 10.75 -2.17
N TYR A 157 12.60 10.81 -2.23
CA TYR A 157 12.25 9.64 -3.10
CA TYR A 157 12.36 9.72 -3.17
C TYR A 157 13.48 9.22 -3.92
C TYR A 157 13.61 9.54 -4.03
N GLN A 158 14.70 9.23 -3.34
CA GLN A 158 15.92 8.87 -4.04
CA GLN A 158 15.93 8.86 -4.04
C GLN A 158 16.85 8.13 -3.09
N ASN A 159 17.69 7.27 -3.65
CA ASN A 159 18.77 6.60 -2.90
C ASN A 159 18.22 5.83 -1.71
N GLU A 160 18.94 5.75 -0.58
CA GLU A 160 18.50 4.88 0.50
C GLU A 160 17.19 5.37 1.10
N SER A 161 17.05 6.69 1.28
CA SER A 161 15.80 7.21 1.84
CA SER A 161 15.80 7.19 1.86
C SER A 161 14.62 6.85 0.96
N GLY A 162 14.81 6.92 -0.36
CA GLY A 162 13.76 6.56 -1.28
C GLY A 162 13.42 5.08 -1.26
N ALA A 163 14.43 4.23 -1.05
CA ALA A 163 14.17 2.80 -0.90
C ALA A 163 13.40 2.50 0.38
N ILE A 164 13.70 3.24 1.46
CA ILE A 164 12.91 3.11 2.67
C ILE A 164 11.47 3.54 2.40
N ASN A 165 11.31 4.68 1.70
CA ASN A 165 9.98 5.19 1.36
C ASN A 165 9.18 4.11 0.64
N GLU A 166 9.79 3.48 -0.37
N GLU A 166 9.79 3.51 -0.38
CA GLU A 166 9.09 2.42 -1.10
CA GLU A 166 9.17 2.41 -1.11
C GLU A 166 8.83 1.20 -0.23
C GLU A 166 8.83 1.24 -0.19
N ALA A 167 9.79 0.80 0.62
CA ALA A 167 9.55 -0.35 1.48
C ALA A 167 8.43 -0.10 2.48
N ILE A 168 8.38 1.10 3.06
CA ILE A 168 7.29 1.47 3.95
CA ILE A 168 7.29 1.41 3.97
C ILE A 168 5.95 1.27 3.26
N SER A 169 5.86 1.73 2.00
CA SER A 169 4.62 1.56 1.24
C SER A 169 4.32 0.08 0.95
N ASP A 170 5.35 -0.74 0.67
CA ASP A 170 5.11 -2.17 0.47
C ASP A 170 4.70 -2.86 1.77
N ILE A 171 5.31 -2.47 2.88
CA ILE A 171 4.99 -3.05 4.19
C ILE A 171 3.54 -2.75 4.54
N PHE A 172 3.13 -1.48 4.47
CA PHE A 172 1.74 -1.16 4.85
C PHE A 172 0.75 -1.58 3.78
N GLY A 173 1.16 -1.58 2.51
CA GLY A 173 0.28 -2.15 1.49
C GLY A 173 -0.03 -3.60 1.80
N THR A 174 0.99 -4.36 2.21
CA THR A 174 0.79 -5.76 2.55
C THR A 174 0.01 -5.91 3.85
N LEU A 175 0.27 -5.06 4.84
CA LEU A 175 -0.49 -5.18 6.07
C LEU A 175 -1.97 -4.83 5.86
N VAL A 176 -2.27 -3.90 4.96
CA VAL A 176 -3.66 -3.65 4.60
C VAL A 176 -4.26 -4.86 3.90
N GLU A 177 -3.49 -5.48 3.00
CA GLU A 177 -3.97 -6.68 2.32
C GLU A 177 -4.30 -7.77 3.33
N PHE A 178 -3.46 -7.97 4.34
CA PHE A 178 -3.78 -8.93 5.40
C PHE A 178 -4.96 -8.48 6.24
N TYR A 179 -5.07 -7.19 6.52
N TYR A 179 -5.07 -7.19 6.53
CA TYR A 179 -6.18 -6.67 7.31
CA TYR A 179 -6.20 -6.67 7.29
C TYR A 179 -7.52 -7.00 6.66
C TYR A 179 -7.53 -6.95 6.59
N ALA A 180 -7.62 -6.84 5.33
N ALA A 180 -7.58 -6.70 5.28
N ALA A 180 -7.53 -6.87 5.31
CA ALA A 180 -8.79 -7.32 4.61
CA ALA A 180 -8.78 -7.03 4.50
CA ALA A 180 -8.73 -6.99 4.48
C ALA A 180 -8.88 -8.85 4.68
C ALA A 180 -9.09 -8.52 4.59
C ALA A 180 -9.04 -8.44 4.14
N ASN A 181 -7.75 -9.52 4.53
N ASN A 181 -8.05 -9.35 4.67
N ASN A 181 -8.06 -9.32 4.33
CA ASN A 181 -7.63 -10.97 4.74
CA ASN A 181 -8.19 -10.79 4.83
CA ASN A 181 -8.18 -10.74 3.98
C ASN A 181 -8.48 -11.77 3.75
C ASN A 181 -9.06 -11.40 3.73
C ASN A 181 -8.55 -10.92 2.51
N LYS A 182 -8.59 -11.27 2.53
N LYS A 182 -8.62 -11.21 2.49
N LYS A 182 -7.86 -10.18 1.65
CA LYS A 182 -9.20 -12.06 1.46
CA LYS A 182 -9.24 -11.84 1.34
CA LYS A 182 -8.09 -10.24 0.20
C LYS A 182 -8.17 -12.99 0.81
C LYS A 182 -8.29 -12.81 0.63
C LYS A 182 -6.93 -10.97 -0.46
N ASN A 183 -7.12 -12.42 0.18
N ASN A 183 -7.13 -12.32 0.11
CA ASN A 183 -6.09 -13.21 -0.48
CA ASN A 183 -6.12 -13.17 -0.51
C ASN A 183 -4.70 -12.63 -0.22
C ASN A 183 -4.71 -12.62 -0.23
N PRO A 184 -4.32 -12.48 1.03
CA PRO A 184 -3.04 -11.86 1.35
C PRO A 184 -1.84 -12.77 1.10
N ASP A 185 -0.69 -12.11 1.02
CA ASP A 185 0.59 -12.71 0.69
C ASP A 185 1.64 -11.64 0.93
N TRP A 186 2.90 -12.00 0.72
CA TRP A 186 4.03 -11.10 0.85
C TRP A 186 4.60 -10.70 -0.51
N GLU A 187 3.77 -10.72 -1.53
CA GLU A 187 4.08 -10.26 -2.87
CA GLU A 187 4.14 -10.23 -2.84
C GLU A 187 3.40 -8.93 -3.10
N ILE A 188 3.88 -8.17 -4.09
CA ILE A 188 3.31 -6.86 -4.40
C ILE A 188 2.70 -6.87 -5.80
N GLY A 189 1.42 -6.55 -5.88
CA GLY A 189 0.73 -6.34 -7.15
C GLY A 189 0.29 -7.60 -7.87
N GLU A 190 0.31 -8.75 -7.19
CA GLU A 190 0.01 -10.02 -7.83
C GLU A 190 -1.39 -10.06 -8.45
N ASP A 191 -2.34 -9.30 -7.89
CA ASP A 191 -3.72 -9.40 -8.37
C ASP A 191 -3.91 -8.72 -9.72
N VAL A 192 -3.08 -7.74 -10.07
CA VAL A 192 -3.29 -6.95 -11.27
C VAL A 192 -2.16 -7.08 -12.28
N TYR A 193 -1.05 -7.70 -11.92
CA TYR A 193 0.09 -7.83 -12.82
C TYR A 193 -0.05 -9.07 -13.68
N THR A 194 0.27 -8.93 -14.97
CA THR A 194 0.36 -10.02 -15.95
C THR A 194 -0.81 -11.00 -15.85
N PRO A 195 -1.99 -10.60 -16.32
CA PRO A 195 -3.14 -11.51 -16.25
C PRO A 195 -2.91 -12.85 -16.94
N GLY A 196 -2.01 -12.94 -17.91
CA GLY A 196 -1.77 -14.21 -18.56
C GLY A 196 -0.79 -15.13 -17.85
N ILE A 197 -0.22 -14.71 -16.72
CA ILE A 197 0.81 -15.46 -16.01
C ILE A 197 0.38 -15.59 -14.56
N SER A 198 0.20 -16.82 -14.09
CA SER A 198 -0.14 -17.05 -12.70
CA SER A 198 -0.14 -17.04 -12.70
C SER A 198 1.13 -17.16 -11.85
N GLY A 199 1.02 -16.73 -10.60
CA GLY A 199 2.08 -16.96 -9.63
C GLY A 199 3.19 -15.96 -9.61
N ASP A 200 3.12 -14.88 -10.37
CA ASP A 200 4.14 -13.85 -10.37
C ASP A 200 3.60 -12.58 -9.73
N SER A 201 4.47 -11.57 -9.68
CA SER A 201 4.16 -10.30 -9.04
CA SER A 201 4.10 -10.27 -9.12
C SER A 201 5.22 -9.29 -9.47
N LEU A 202 5.08 -8.06 -8.98
CA LEU A 202 6.08 -7.04 -9.27
C LEU A 202 7.34 -7.22 -8.42
N ARG A 203 7.16 -7.70 -7.19
N ARG A 203 7.20 -7.76 -7.22
CA ARG A 203 8.23 -7.83 -6.21
CA ARG A 203 8.34 -8.00 -6.35
C ARG A 203 7.81 -8.92 -5.24
C ARG A 203 7.86 -8.80 -5.16
N SER A 204 8.80 -9.49 -4.55
CA SER A 204 8.52 -10.37 -3.42
C SER A 204 9.21 -9.80 -2.17
N MET A 205 8.47 -9.70 -1.08
CA MET A 205 9.09 -9.31 0.19
C MET A 205 9.72 -10.50 0.88
N SER A 206 9.12 -11.68 0.73
CA SER A 206 9.65 -12.88 1.38
C SER A 206 10.92 -13.37 0.71
N ASP A 207 11.07 -13.13 -0.59
CA ASP A 207 12.28 -13.54 -1.32
C ASP A 207 12.53 -12.56 -2.44
N PRO A 208 13.09 -11.41 -2.14
CA PRO A 208 13.29 -10.40 -3.20
C PRO A 208 14.08 -10.94 -4.39
N ALA A 209 14.99 -11.88 -4.14
CA ALA A 209 15.84 -12.40 -5.21
C ALA A 209 15.07 -13.17 -6.26
N LYS A 210 13.83 -13.60 -5.96
CA LYS A 210 13.01 -14.26 -6.98
C LYS A 210 12.89 -13.43 -8.25
N TYR A 211 12.87 -12.10 -8.10
CA TYR A 211 12.76 -11.17 -9.22
C TYR A 211 14.04 -10.35 -9.43
N GLY A 212 15.16 -10.80 -8.88
CA GLY A 212 16.42 -10.14 -9.06
C GLY A 212 16.64 -8.93 -8.18
N ASP A 213 15.84 -8.78 -7.12
CA ASP A 213 16.05 -7.66 -6.20
C ASP A 213 16.94 -8.10 -5.04
N PRO A 214 17.70 -7.17 -4.46
CA PRO A 214 18.62 -7.50 -3.37
C PRO A 214 17.91 -7.88 -2.09
N ASP A 215 18.49 -8.85 -1.39
CA ASP A 215 18.00 -9.30 -0.09
C ASP A 215 19.06 -9.12 1.00
N HIS A 216 20.03 -8.25 0.75
CA HIS A 216 21.14 -8.00 1.65
C HIS A 216 21.80 -6.69 1.24
N TYR A 217 22.28 -5.93 2.23
CA TYR A 217 22.89 -4.63 1.96
C TYR A 217 24.06 -4.75 1.01
N SER A 218 24.81 -5.85 1.06
CA SER A 218 25.96 -6.00 0.19
C SER A 218 25.56 -6.05 -1.27
N LYS A 219 24.29 -6.31 -1.56
N LYS A 219 24.30 -6.33 -1.57
CA LYS A 219 23.80 -6.42 -2.93
CA LYS A 219 23.81 -6.42 -2.93
C LYS A 219 23.06 -5.17 -3.37
C LYS A 219 23.00 -5.19 -3.34
N ARG A 220 23.12 -4.09 -2.61
CA ARG A 220 22.39 -2.89 -2.97
C ARG A 220 22.84 -2.35 -4.33
N TYR A 221 21.87 -1.86 -5.08
CA TYR A 221 22.11 -1.20 -6.36
C TYR A 221 22.60 0.22 -6.11
N THR A 222 23.66 0.61 -6.82
CA THR A 222 24.28 1.92 -6.63
C THR A 222 24.28 2.73 -7.92
N GLY A 223 23.55 2.32 -8.95
CA GLY A 223 23.44 3.07 -10.18
C GLY A 223 22.44 4.22 -10.08
N THR A 224 22.19 4.86 -11.22
CA THR A 224 21.34 6.05 -11.25
C THR A 224 19.92 5.76 -11.69
N GLN A 225 19.64 4.58 -12.25
CA GLN A 225 18.30 4.26 -12.70
C GLN A 225 17.35 4.20 -11.52
N ASP A 226 16.06 4.45 -11.79
CA ASP A 226 15.02 4.28 -10.79
C ASP A 226 15.30 5.15 -9.56
N ASN A 227 15.75 6.38 -9.79
CA ASN A 227 16.09 7.29 -8.70
C ASN A 227 17.09 6.67 -7.73
N GLY A 228 18.07 5.97 -8.25
CA GLY A 228 19.02 5.28 -7.40
C GLY A 228 18.52 3.96 -6.90
N GLY A 229 17.61 3.33 -7.63
CA GLY A 229 17.15 2.00 -7.27
C GLY A 229 16.09 1.90 -6.20
N VAL A 230 15.16 2.87 -6.12
CA VAL A 230 14.26 2.89 -4.97
C VAL A 230 13.33 1.68 -4.93
N HIS A 231 12.90 1.16 -6.08
CA HIS A 231 12.05 -0.03 -6.08
C HIS A 231 12.86 -1.34 -6.07
N ILE A 232 14.17 -1.23 -6.17
CA ILE A 232 15.09 -2.38 -6.17
C ILE A 232 15.60 -2.59 -4.75
N ASN A 233 16.23 -1.56 -4.19
CA ASN A 233 16.81 -1.64 -2.86
C ASN A 233 15.77 -1.73 -1.77
N SER A 234 14.51 -1.42 -2.09
CA SER A 234 13.44 -1.70 -1.13
C SER A 234 13.42 -3.16 -0.71
N GLY A 235 13.93 -4.06 -1.57
CA GLY A 235 13.96 -5.47 -1.21
C GLY A 235 14.72 -5.76 0.07
N ILE A 236 15.74 -4.96 0.35
CA ILE A 236 16.54 -5.20 1.54
C ILE A 236 15.71 -4.96 2.80
N ILE A 237 14.94 -3.87 2.80
CA ILE A 237 14.08 -3.55 3.94
C ILE A 237 12.84 -4.44 3.96
N ASN A 238 12.26 -4.71 2.78
CA ASN A 238 11.11 -5.61 2.72
C ASN A 238 11.45 -6.97 3.32
N LYS A 239 12.65 -7.48 3.02
CA LYS A 239 13.06 -8.77 3.58
C LYS A 239 13.18 -8.69 5.10
N ALA A 240 13.76 -7.60 5.60
CA ALA A 240 13.85 -7.41 7.05
C ALA A 240 12.48 -7.42 7.69
N ALA A 241 11.53 -6.70 7.09
CA ALA A 241 10.17 -6.64 7.65
C ALA A 241 9.52 -8.02 7.62
N TYR A 242 9.65 -8.73 6.50
CA TYR A 242 9.14 -10.09 6.42
C TYR A 242 9.71 -10.96 7.53
N LEU A 243 11.02 -10.85 7.77
CA LEU A 243 11.64 -11.67 8.81
C LEU A 243 11.14 -11.28 10.20
N ILE A 244 10.98 -9.98 10.46
CA ILE A 244 10.46 -9.56 11.76
C ILE A 244 9.10 -10.22 12.00
N SER A 245 8.23 -10.23 10.99
CA SER A 245 6.89 -10.76 11.16
C SER A 245 6.90 -12.29 11.22
N GLN A 246 7.49 -12.92 10.20
CA GLN A 246 7.32 -14.36 9.99
C GLN A 246 8.48 -15.20 10.49
N GLY A 247 9.62 -14.59 10.80
CA GLY A 247 10.79 -15.32 11.23
C GLY A 247 11.44 -16.05 10.07
N GLY A 248 12.57 -16.66 10.37
CA GLY A 248 13.30 -17.42 9.38
C GLY A 248 14.79 -17.32 9.64
N THR A 249 15.55 -18.06 8.84
CA THR A 249 17.00 -17.98 8.88
C THR A 249 17.47 -17.52 7.52
N HIS A 250 18.22 -16.42 7.51
CA HIS A 250 18.58 -15.75 6.26
C HIS A 250 20.05 -15.42 6.32
N TYR A 251 20.82 -15.88 5.33
CA TYR A 251 22.28 -15.80 5.36
C TYR A 251 22.85 -16.24 6.71
N GLY A 252 22.29 -17.31 7.27
CA GLY A 252 22.80 -17.88 8.50
C GLY A 252 22.36 -17.19 9.76
N VAL A 253 21.56 -16.14 9.68
CA VAL A 253 21.11 -15.39 10.83
C VAL A 253 19.68 -15.79 11.12
N SER A 254 19.42 -16.28 12.31
CA SER A 254 18.09 -16.71 12.70
CA SER A 254 18.10 -16.72 12.73
CA SER A 254 18.09 -16.72 12.72
C SER A 254 17.31 -15.53 13.27
N VAL A 255 16.06 -15.42 12.83
CA VAL A 255 15.16 -14.36 13.30
C VAL A 255 13.91 -15.03 13.87
N VAL A 256 13.55 -14.67 15.09
CA VAL A 256 12.33 -15.14 15.72
C VAL A 256 11.20 -14.22 15.30
N GLY A 257 10.19 -14.77 14.62
CA GLY A 257 9.10 -13.93 14.14
C GLY A 257 8.16 -13.50 15.25
N ILE A 258 7.71 -12.25 15.17
CA ILE A 258 6.82 -11.67 16.18
C ILE A 258 5.43 -11.37 15.65
N GLY A 259 5.18 -11.60 14.36
CA GLY A 259 3.86 -11.43 13.79
C GLY A 259 3.63 -10.08 13.16
N ARG A 260 2.51 -10.01 12.42
CA ARG A 260 2.23 -8.86 11.55
C ARG A 260 1.83 -7.64 12.35
N ASP A 261 1.04 -7.81 13.41
CA ASP A 261 0.57 -6.65 14.17
C ASP A 261 1.74 -5.91 14.79
N LYS A 262 2.69 -6.63 15.37
CA LYS A 262 3.82 -5.96 15.98
C LYS A 262 4.75 -5.35 14.94
N LEU A 263 4.94 -6.03 13.80
CA LEU A 263 5.68 -5.40 12.71
C LEU A 263 5.08 -4.05 12.37
N GLY A 264 3.76 -4.00 12.19
CA GLY A 264 3.11 -2.76 11.82
C GLY A 264 3.24 -1.70 12.89
N LYS A 265 3.14 -2.09 14.17
CA LYS A 265 3.25 -1.10 15.24
CA LYS A 265 3.24 -1.10 15.24
C LYS A 265 4.66 -0.52 15.29
N ILE A 266 5.67 -1.38 15.13
CA ILE A 266 7.05 -0.91 15.19
C ILE A 266 7.35 0.03 14.03
N PHE A 267 6.99 -0.36 12.81
CA PHE A 267 7.30 0.49 11.67
C PHE A 267 6.44 1.75 11.63
N TYR A 268 5.19 1.69 12.09
CA TYR A 268 4.38 2.89 12.14
C TYR A 268 4.98 3.92 13.10
N ARG A 269 5.39 3.46 14.29
CA ARG A 269 6.05 4.37 15.23
C ARG A 269 7.36 4.90 14.66
N ALA A 270 8.14 4.04 14.01
CA ALA A 270 9.39 4.53 13.42
C ALA A 270 9.10 5.64 12.43
N LEU A 271 8.13 5.41 11.55
CA LEU A 271 7.83 6.38 10.49
C LEU A 271 7.35 7.70 11.07
N THR A 272 6.41 7.65 12.03
CA THR A 272 5.75 8.85 12.51
C THR A 272 6.54 9.60 13.57
N GLN A 273 7.43 8.93 14.29
CA GLN A 273 8.14 9.56 15.39
CA GLN A 273 8.14 9.54 15.40
C GLN A 273 9.62 9.78 15.13
N TYR A 274 10.28 8.91 14.38
CA TYR A 274 11.74 8.91 14.34
C TYR A 274 12.37 9.17 12.98
N LEU A 275 11.77 8.73 11.88
CA LEU A 275 12.40 8.93 10.59
C LEU A 275 12.35 10.40 10.19
N THR A 276 13.30 10.79 9.34
CA THR A 276 13.42 12.15 8.82
C THR A 276 13.55 12.06 7.29
N PRO A 277 13.60 13.18 6.59
CA PRO A 277 13.59 13.08 5.12
C PRO A 277 14.76 12.32 4.54
N THR A 278 15.93 12.31 5.21
CA THR A 278 17.12 11.67 4.66
C THR A 278 17.59 10.45 5.46
N SER A 279 16.71 9.88 6.29
CA SER A 279 17.08 8.66 7.00
C SER A 279 17.65 7.63 6.04
N ASN A 280 18.76 7.00 6.42
CA ASN A 280 19.34 5.90 5.66
C ASN A 280 18.97 4.56 6.32
N PHE A 281 19.45 3.46 5.75
CA PHE A 281 19.06 2.15 6.28
C PHE A 281 19.51 1.98 7.72
N SER A 282 20.72 2.40 8.06
CA SER A 282 21.21 2.29 9.43
CA SER A 282 21.17 2.25 9.44
C SER A 282 20.32 3.09 10.38
N GLN A 283 19.88 4.26 9.95
CA GLN A 283 19.01 5.07 10.78
C GLN A 283 17.62 4.46 10.90
N LEU A 284 17.16 3.77 9.86
CA LEU A 284 15.90 3.03 9.98
C LEU A 284 16.03 1.92 11.01
N ARG A 285 17.15 1.19 10.99
CA ARG A 285 17.34 0.17 12.01
C ARG A 285 17.25 0.79 13.39
N ALA A 286 17.96 1.89 13.61
CA ALA A 286 17.94 2.54 14.90
C ALA A 286 16.54 2.98 15.28
N ALA A 287 15.77 3.49 14.32
CA ALA A 287 14.42 3.92 14.60
C ALA A 287 13.53 2.75 14.94
N ALA A 288 13.70 1.63 14.25
CA ALA A 288 12.90 0.44 14.54
C ALA A 288 13.25 -0.14 15.90
N VAL A 289 14.54 -0.17 16.23
CA VAL A 289 14.95 -0.66 17.54
C VAL A 289 14.39 0.24 18.63
N GLN A 290 14.48 1.56 18.44
CA GLN A 290 13.97 2.48 19.47
C GLN A 290 12.46 2.36 19.59
N SER A 291 11.75 2.21 18.46
CA SER A 291 10.31 2.05 18.48
C SER A 291 9.90 0.78 19.23
N ALA A 292 10.56 -0.34 18.92
CA ALA A 292 10.28 -1.58 19.64
C ALA A 292 10.63 -1.43 21.13
N THR A 293 11.69 -0.69 21.43
CA THR A 293 12.02 -0.45 22.84
C THR A 293 10.92 0.33 23.53
N ASP A 294 10.44 1.40 22.89
CA ASP A 294 9.35 2.19 23.45
C ASP A 294 8.11 1.32 23.73
N LEU A 295 7.76 0.44 22.78
CA LEU A 295 6.53 -0.30 22.85
C LEU A 295 6.62 -1.54 23.73
N TYR A 296 7.78 -2.21 23.77
CA TYR A 296 7.90 -3.53 24.38
C TYR A 296 9.01 -3.66 25.40
N GLY A 297 9.90 -2.69 25.52
CA GLY A 297 10.97 -2.74 26.50
C GLY A 297 12.29 -3.17 25.87
N SER A 298 13.39 -2.65 26.42
CA SER A 298 14.70 -2.89 25.81
C SER A 298 15.10 -4.36 25.84
N THR A 299 14.60 -5.13 26.81
CA THR A 299 14.98 -6.54 26.95
C THR A 299 14.01 -7.47 26.25
N SER A 300 13.07 -6.93 25.48
CA SER A 300 11.99 -7.72 24.90
C SER A 300 12.47 -8.58 23.73
N GLN A 301 11.72 -9.66 23.49
CA GLN A 301 11.89 -10.42 22.26
C GLN A 301 11.71 -9.53 21.03
N GLU A 302 10.76 -8.59 21.10
CA GLU A 302 10.50 -7.75 19.94
C GLU A 302 11.73 -6.96 19.53
N VAL A 303 12.41 -6.34 20.49
CA VAL A 303 13.64 -5.62 20.19
C VAL A 303 14.68 -6.58 19.60
N ALA A 304 14.84 -7.75 20.23
CA ALA A 304 15.84 -8.69 19.77
C ALA A 304 15.57 -9.12 18.34
N SER A 305 14.30 -9.33 18.00
CA SER A 305 13.96 -9.79 16.65
C SER A 305 14.19 -8.69 15.62
N VAL A 306 13.92 -7.44 15.97
CA VAL A 306 14.26 -6.33 15.07
C VAL A 306 15.75 -6.35 14.77
N LYS A 307 16.58 -6.49 15.80
CA LYS A 307 18.02 -6.50 15.60
C LYS A 307 18.46 -7.67 14.74
N GLN A 308 17.89 -8.85 15.01
CA GLN A 308 18.23 -10.04 14.23
CA GLN A 308 18.26 -10.03 14.22
C GLN A 308 17.89 -9.85 12.76
N ALA A 309 16.72 -9.28 12.48
CA ALA A 309 16.29 -9.11 11.08
C ALA A 309 17.20 -8.16 10.33
N PHE A 310 17.55 -7.02 10.94
CA PHE A 310 18.48 -6.11 10.28
C PHE A 310 19.87 -6.73 10.16
N ASP A 311 20.32 -7.50 11.16
CA ASP A 311 21.56 -8.24 11.02
C ASP A 311 21.51 -9.15 9.79
N ALA A 312 20.39 -9.84 9.62
CA ALA A 312 20.28 -10.84 8.56
C ALA A 312 20.42 -10.20 7.18
N VAL A 313 19.94 -8.96 7.03
CA VAL A 313 20.06 -8.27 5.76
C VAL A 313 21.27 -7.34 5.71
N GLY A 314 22.17 -7.43 6.70
CA GLY A 314 23.42 -6.72 6.63
C GLY A 314 23.37 -5.24 6.94
N VAL A 315 22.34 -4.79 7.65
CA VAL A 315 22.18 -3.38 7.99
C VAL A 315 22.54 -3.21 9.46
N LYS A 316 23.64 -2.52 9.74
CA LYS A 316 24.08 -2.32 11.11
C LYS A 316 23.69 -0.95 11.62
CA CA B . 0.07 -8.68 -2.25
CA CA C . -25.51 0.90 -12.63
CA CA D . 0.27 -12.42 -13.16
ZN ZN E . 5.81 3.54 -4.26
ZN ZN F . 17.40 -16.57 2.71
ZN ZN G . -2.61 -10.99 -2.47
ZN ZN H . 6.56 3.00 -7.48
ZN ZN I . 10.78 2.04 -9.92
ZN ZN J . 3.97 4.00 -7.12
ZN ZN K . 13.76 -16.33 4.10
O1 XYP L . -21.54 17.83 -8.08
C1 XYP L . -21.33 17.49 -9.40
C2 XYP L . -19.88 17.06 -9.58
C3 XYP L . -19.65 16.56 -10.95
C4 XYP L . -20.63 15.50 -11.32
C5 XYP L . -22.07 15.88 -11.09
O2 XYP L . -18.99 18.16 -9.34
O3 XYP L . -18.30 16.00 -11.00
O4 XYP L . -20.51 15.23 -12.71
O5 XYP L . -22.26 16.38 -9.73
HO1 XYP L . -22.26 18.34 -8.03
H1 XYP L . -21.49 18.27 -9.96
H2 XYP L . -19.69 16.37 -8.92
H3 XYP L . -19.73 17.30 -11.59
H4 XYP L . -20.39 14.72 -10.78
H51 XYP L . -22.33 16.57 -11.73
H52 XYP L . -22.63 15.10 -11.23
HO2 XYP L . -18.52 18.01 -8.61
HO3 XYP L . -17.84 16.41 -11.63
HO4 XYP L . -20.14 14.44 -12.83
O1 XYP M . 26.80 -13.46 5.45
C1 XYP M . 26.81 -12.30 4.73
C2 XYP M . 28.20 -11.71 4.72
C3 XYP M . 28.28 -10.63 3.72
C4 XYP M . 27.95 -11.18 2.38
C5 XYP M . 26.52 -11.66 2.35
O2 XYP M . 28.52 -11.18 6.02
O3 XYP M . 29.61 -10.04 3.69
O4 XYP M . 28.12 -10.17 1.39
O5 XYP M . 26.26 -12.64 3.39
HO1 XYP M . 25.99 -13.60 5.78
H1 XYP M . 26.25 -11.61 5.14
H2 XYP M . 28.86 -12.41 4.51
H3 XYP M . 27.68 -9.89 3.96
H4 XYP M . 28.56 -11.91 2.17
H51 XYP M . 26.34 -12.07 1.47
H52 XYP M . 25.91 -10.90 2.46
HO2 XYP M . 29.18 -11.66 6.38
HO3 XYP M . 29.56 -9.19 3.95
HO4 XYP M . 28.57 -10.51 0.70
O1 XYP N . -17.86 -6.95 -13.72
C1 XYP N . -16.50 -7.16 -13.72
C2 XYP N . -16.20 -8.60 -14.07
C3 XYP N . -14.74 -8.83 -14.12
C4 XYP N . -14.03 -7.87 -15.04
C5 XYP N . -14.41 -6.43 -14.76
O2 XYP N . -16.85 -9.40 -13.08
O3 XYP N . -14.52 -10.18 -14.60
O4 XYP N . -12.61 -7.97 -14.89
O5 XYP N . -15.87 -6.25 -14.70
HO1 XYP N . -18.03 -6.09 -13.66
H1 XYP N . -16.18 -6.95 -12.82
H2 XYP N . -16.56 -8.85 -14.94
H3 XYP N . -14.36 -8.72 -13.22
H4 XYP N . -14.28 -8.13 -15.94
H51 XYP N . -14.03 -6.15 -13.90
H52 XYP N . -14.04 -5.86 -15.47
HO2 XYP N . -17.43 -9.94 -13.47
HO3 XYP N . -14.06 -10.64 -14.00
HO4 XYP N . -12.24 -8.03 -15.70
O1 XYP O . 23.76 2.82 -0.42
C1 XYP O . 23.08 3.61 -1.32
C2 XYP O . 23.92 3.83 -2.57
C3 XYP O . 23.15 4.55 -3.62
C4 XYP O . 21.84 3.91 -3.92
C5 XYP O . 21.03 3.68 -2.65
O2 XYP O . 25.08 4.58 -2.20
O3 XYP O . 23.96 4.58 -4.83
O4 XYP O . 21.07 4.77 -4.77
O5 XYP O . 21.80 2.93 -1.65
HO1 XYP O . 23.75 3.21 0.37
H1 XYP O . 22.91 4.47 -0.91
H2 XYP O . 24.20 2.96 -2.93
H3 XYP O . 22.99 5.46 -3.32
H4 XYP O . 22.02 3.07 -4.37
H51 XYP O . 20.77 4.54 -2.28
H52 XYP O . 20.22 3.17 -2.89
HO2 XYP O . 25.81 4.09 -2.33
HO3 XYP O . 24.13 5.42 -5.04
HO4 XYP O . 20.86 4.33 -5.51
O1 XYP P . 8.29 17.05 18.00
C1 XYP P . 9.08 16.03 18.43
C2 XYP P . 9.50 15.26 17.21
C3 XYP P . 10.30 14.08 17.61
C4 XYP P . 11.49 14.45 18.40
C5 XYP P . 11.16 15.40 19.55
O2 XYP P . 8.35 14.88 16.46
O3 XYP P . 10.75 13.48 16.38
O4 XYP P . 12.11 13.26 18.93
O5 XYP P . 10.28 16.52 19.15
HO1 XYP P . 7.87 17.42 18.69
H1 XYP P . 8.54 15.51 19.06
H2 XYP P . 10.05 15.81 16.61
H3 XYP P . 9.75 13.46 18.14
H4 XYP P . 12.12 14.90 17.81
H51 XYP P . 10.72 14.88 20.26
H52 XYP P . 12.00 15.76 19.90
HO2 XYP P . 7.67 14.73 17.03
HO3 XYP P . 10.48 12.63 16.33
HO4 XYP P . 12.98 13.30 18.81
O1 XYP Q . -24.62 14.76 1.65
C1 XYP Q . -23.64 14.32 2.50
C2 XYP Q . -22.72 15.47 2.83
C3 XYP Q . -21.78 15.11 3.92
C4 XYP Q . -22.53 14.70 5.14
C5 XYP Q . -23.39 13.48 4.84
O2 XYP Q . -21.96 15.86 1.68
O3 XYP Q . -20.93 16.25 4.22
O4 XYP Q . -21.63 14.38 6.19
O5 XYP Q . -24.31 13.72 3.70
HO1 XYP Q . -24.35 14.66 0.80
H1 XYP Q . -23.11 13.63 2.06
H2 XYP Q . -23.27 16.24 3.10
H3 XYP Q . -21.20 14.38 3.63
H4 XYP Q . -23.09 15.44 5.43
H51 XYP Q . -23.91 13.26 5.62
H52 XYP Q . -22.81 12.72 4.62
HO2 XYP Q . -22.21 16.67 1.42
HO3 XYP Q . -20.08 16.01 4.08
HO4 XYP Q . -21.92 14.73 6.95
O1 XYP R . 16.91 7.03 13.11
C1 XYP R . 16.95 7.13 14.45
C2 XYP R . 17.31 8.55 14.85
C3 XYP R . 17.50 8.62 16.31
C4 XYP R . 16.33 8.12 17.08
C5 XYP R . 15.83 6.79 16.55
O2 XYP R . 18.48 8.92 14.12
O3 XYP R . 17.74 10.02 16.62
O4 XYP R . 16.69 7.92 18.47
O5 XYP R . 15.66 6.85 15.10
HO1 XYP R . 16.65 6.20 12.88
H1 XYP R . 17.62 6.47 14.72
H2 XYP R . 16.62 9.20 14.61
H3 XYP R . 18.27 8.09 16.58
H4 XYP R . 15.64 8.79 17.04
H51 XYP R . 16.48 6.08 16.76
H52 XYP R . 14.97 6.57 16.97
HO2 XYP R . 19.16 8.41 14.37
HO3 XYP R . 18.51 10.10 17.06
HO4 XYP R . 16.05 8.24 18.99
O1 XYP S . 4.81 -0.96 28.16
C1 XYP S . 6.01 -1.29 27.57
C2 XYP S . 7.13 -0.56 28.28
C3 XYP S . 8.24 -1.48 28.62
C4 XYP S . 7.79 -2.58 29.49
C5 XYP S . 6.58 -3.30 28.90
O2 XYP S . 7.62 0.49 27.44
O3 XYP S . 9.28 -0.72 29.30
O4 XYP S . 8.85 -3.52 29.68
O5 XYP S . 6.17 -2.77 27.59
HO1 XYP S . 4.19 -0.88 27.54
H1 XYP S . 5.99 -1.00 26.63
H2 XYP S . 6.77 -0.17 29.10
H3 XYP S . 8.62 -1.86 27.80
H4 XYP S . 7.55 -2.21 30.36
H51 XYP S . 6.80 -4.25 28.80
H52 XYP S . 5.83 -3.22 29.52
HO2 XYP S . 7.35 1.28 27.76
HO3 XYP S . 10.00 -0.68 28.78
HO4 XYP S . 8.98 -3.66 30.55
O1 XYP T . -25.73 -9.85 -8.85
C1 XYP T . -25.94 -9.94 -10.20
C2 XYP T . -26.40 -8.60 -10.74
C3 XYP T . -26.43 -8.54 -12.23
C4 XYP T . -25.14 -9.00 -12.81
C5 XYP T . -24.84 -10.41 -12.32
O2 XYP T . -27.73 -8.32 -10.25
O3 XYP T . -26.69 -7.18 -12.68
O4 XYP T . -25.20 -8.96 -14.23
O5 XYP T . -24.69 -10.41 -10.86
HO1 XYP T . -25.69 -10.66 -8.49
H1 XYP T . -26.65 -10.59 -10.36
H2 XYP T . -25.77 -7.91 -10.43
H3 XYP T . -27.16 -9.09 -12.55
H4 XYP T . -24.41 -8.40 -12.55
H51 XYP T . -24.01 -10.73 -12.74
H52 XYP T . -25.57 -11.00 -12.58
HO2 XYP T . -27.69 -7.62 -9.69
HO3 XYP T . -27.46 -7.15 -13.12
HO4 XYP T . -24.44 -8.64 -14.55
C1 XYS U . 2.78 18.47 1.95
C2 XYS U . 1.91 19.55 2.48
C3 XYS U . 2.20 19.77 3.95
C4 XYS U . 2.07 18.46 4.70
C5 XYS U . 2.78 17.32 4.00
O1 XYS U . 4.12 18.85 2.14
O2 XYS U . 2.21 20.73 1.78
O3 XYS U . 1.29 20.71 4.47
O4 XYS U . 2.56 18.60 6.02
O5 XYS U . 2.58 17.30 2.60
H2 XYS U . 0.86 19.28 2.33
H3 XYS U . 3.22 20.16 4.04
H4 XYS U . 1.00 18.22 4.75
H51 XYS U . 2.44 16.38 4.42
H52 XYS U . 3.85 17.41 4.19
HO2 XYS U . 2.93 20.55 1.13
HO3 XYS U . 0.64 20.95 3.78
HO4 XYS U . 2.85 19.53 6.17
C1 XYS V . -16.56 18.64 -13.00
C2 XYS V . -15.18 18.51 -13.59
C3 XYS V . -15.23 18.18 -15.07
C4 XYS V . -16.18 17.02 -15.34
C5 XYS V . -17.50 17.14 -14.56
O1 XYS V . -17.21 19.79 -13.51
O2 XYS V . -14.52 19.74 -13.38
O3 XYS V . -13.95 17.83 -15.55
O4 XYS V . -16.47 16.92 -16.72
O5 XYS V . -17.33 17.54 -13.20
H2 XYS V . -14.64 17.71 -13.07
H3 XYS V . -15.57 19.08 -15.60
H4 XYS V . -15.70 16.11 -15.01
H51 XYS V . -17.99 16.18 -14.57
H52 XYS V . -18.14 17.86 -15.05
HO2 XYS V . -15.10 20.35 -12.90
HO3 XYS V . -13.30 17.87 -14.81
HO4 XYS V . -15.95 17.61 -17.21
#